data_7BHE
#
_entry.id   7BHE
#
_cell.length_a   64.872
_cell.length_b   62.254
_cell.length_c   74.545
_cell.angle_alpha   90.000
_cell.angle_beta   102.410
_cell.angle_gamma   90.000
#
_symmetry.space_group_name_H-M   'P 1 21 1'
#
loop_
_entity.id
_entity.type
_entity.pdbx_description
1 polymer DARPin_D5
2 polymer 'Receptor tyrosine-protein kinase erbB-3'
3 non-polymer GLYCEROL
4 non-polymer 'ACETATE ION'
5 water water
#
loop_
_entity_poly.entity_id
_entity_poly.type
_entity_poly.pdbx_seq_one_letter_code
_entity_poly.pdbx_strand_id
1 'polypeptide(L)'
;MRGSHHHHHHGPGSDLGKKLLEAARAGQDDEVRILMANGADVNAFDHNGSTPLHLAAAIGHLEIVEVLLKYGADVNAEDN
WGNTPLHQAAWVGHLEIVEVLLKNGADVNAQDKFGKTAFDISIDNGNEDLAEILQKLN
;
A,C
2 'polypeptide(L)'
;HHHHHHCDPLCSSGGCWGPGPGQCLSCRNYSRGGVCVTHCNFLNGEPREFAHEAECFSCHPECQPMEGTATCNGSGSDTC
AQCAHFRDGPHCVSSCPHGVLGAKGPIYKYPDVQNECRPCHENCTQGCKGPELQDCLGQTLVLIGKTHLT
;
B,D
#
loop_
_chem_comp.id
_chem_comp.type
_chem_comp.name
_chem_comp.formula
ACT non-polymer 'ACETATE ION' 'C2 H3 O2 -1'
GOL non-polymer GLYCEROL 'C3 H8 O3'
#
# COMPACT_ATOMS: atom_id res chain seq x y z
N GLY A 13 2.39 -5.93 -4.08
CA GLY A 13 2.99 -5.41 -5.30
C GLY A 13 4.47 -5.68 -5.46
N SER A 14 5.14 -6.14 -4.37
CA SER A 14 6.60 -6.43 -4.28
C SER A 14 6.90 -7.81 -4.86
N ASP A 15 6.05 -8.81 -4.52
CA ASP A 15 6.15 -10.17 -5.05
C ASP A 15 5.86 -10.10 -6.56
N LEU A 16 4.84 -9.30 -6.95
CA LEU A 16 4.48 -9.07 -8.35
C LEU A 16 5.54 -8.27 -9.12
N GLY A 17 6.32 -7.44 -8.43
CA GLY A 17 7.41 -6.68 -9.03
C GLY A 17 8.56 -7.58 -9.41
N LYS A 18 8.84 -8.61 -8.57
CA LYS A 18 9.85 -9.64 -8.86
C LYS A 18 9.38 -10.47 -10.08
N LYS A 19 8.10 -10.88 -10.12
CA LYS A 19 7.51 -11.61 -11.24
C LYS A 19 7.53 -10.74 -12.51
N LEU A 20 7.29 -9.42 -12.35
CA LEU A 20 7.29 -8.45 -13.45
C LEU A 20 8.67 -8.36 -14.07
N LEU A 21 9.74 -8.33 -13.25
CA LEU A 21 11.09 -8.27 -13.77
C LEU A 21 11.41 -9.48 -14.63
N GLU A 22 10.97 -10.68 -14.19
CA GLU A 22 11.22 -11.90 -14.95
C GLU A 22 10.40 -11.97 -16.23
N ALA A 23 9.14 -11.49 -16.23
CA ALA A 23 8.27 -11.53 -17.42
C ALA A 23 8.79 -10.58 -18.48
N ALA A 24 9.28 -9.40 -18.05
CA ALA A 24 9.83 -8.40 -18.96
C ALA A 24 11.16 -8.94 -19.55
N ARG A 25 11.99 -9.54 -18.71
CA ARG A 25 13.26 -10.18 -19.10
C ARG A 25 13.10 -11.25 -20.19
N ALA A 26 12.08 -12.13 -20.07
CA ALA A 26 11.80 -13.22 -21.01
C ALA A 26 10.91 -12.83 -22.21
N GLY A 27 10.49 -11.56 -22.27
CA GLY A 27 9.63 -11.06 -23.34
C GLY A 27 8.25 -11.69 -23.34
N GLN A 28 7.68 -11.92 -22.14
CA GLN A 28 6.36 -12.54 -21.99
C GLN A 28 5.33 -11.42 -21.92
N ASP A 29 4.93 -10.88 -23.08
CA ASP A 29 4.01 -9.77 -23.25
C ASP A 29 2.69 -9.90 -22.46
N ASP A 30 1.99 -11.04 -22.61
CA ASP A 30 0.72 -11.25 -21.92
C ASP A 30 0.90 -11.29 -20.43
N GLU A 31 1.97 -11.93 -19.97
CA GLU A 31 2.27 -12.02 -18.55
C GLU A 31 2.46 -10.66 -17.92
N VAL A 32 3.14 -9.74 -18.64
CA VAL A 32 3.41 -8.39 -18.19
C VAL A 32 2.08 -7.65 -18.08
N ARG A 33 1.22 -7.75 -19.11
CA ARG A 33 -0.09 -7.08 -19.09
C ARG A 33 -0.93 -7.54 -17.89
N ILE A 34 -0.97 -8.85 -17.61
CA ILE A 34 -1.70 -9.43 -16.47
C ILE A 34 -1.10 -8.92 -15.15
N LEU A 35 0.23 -8.86 -15.07
CA LEU A 35 0.91 -8.44 -13.87
C LEU A 35 0.69 -6.98 -13.57
N MET A 36 0.66 -6.14 -14.62
CA MET A 36 0.39 -4.71 -14.44
C MET A 36 -1.06 -4.50 -13.99
N ALA A 37 -2.01 -5.27 -14.57
CA ALA A 37 -3.42 -5.16 -14.19
C ALA A 37 -3.62 -5.47 -12.72
N ASN A 38 -2.79 -6.37 -12.17
CA ASN A 38 -2.80 -6.73 -10.75
C ASN A 38 -1.99 -5.78 -9.86
N GLY A 39 -1.43 -4.71 -10.42
CA GLY A 39 -0.71 -3.72 -9.66
C GLY A 39 0.74 -3.98 -9.31
N ALA A 40 1.49 -4.67 -10.18
CA ALA A 40 2.92 -4.92 -9.98
C ALA A 40 3.72 -3.60 -9.96
N ASP A 41 4.75 -3.50 -9.10
CA ASP A 41 5.58 -2.27 -9.04
C ASP A 41 6.31 -2.09 -10.36
N VAL A 42 5.91 -1.09 -11.14
CA VAL A 42 6.47 -0.85 -12.47
C VAL A 42 7.95 -0.34 -12.44
N ASN A 43 8.38 0.18 -11.29
CA ASN A 43 9.73 0.71 -11.13
C ASN A 43 10.65 -0.20 -10.29
N ALA A 44 10.26 -1.48 -10.09
CA ALA A 44 11.05 -2.48 -9.40
C ALA A 44 12.35 -2.70 -10.18
N PHE A 45 13.40 -3.18 -9.51
CA PHE A 45 14.68 -3.45 -10.20
C PHE A 45 15.38 -4.70 -9.69
N ASP A 46 16.15 -5.36 -10.56
CA ASP A 46 16.92 -6.55 -10.21
C ASP A 46 18.35 -6.22 -9.67
N HIS A 47 19.20 -7.24 -9.47
CA HIS A 47 20.57 -7.11 -8.96
C HIS A 47 21.52 -6.28 -9.83
N ASN A 48 21.10 -5.95 -11.04
CA ASN A 48 21.89 -5.08 -11.91
C ASN A 48 21.33 -3.64 -11.95
N GLY A 49 20.28 -3.33 -11.18
CA GLY A 49 19.59 -2.04 -11.21
C GLY A 49 18.61 -1.92 -12.38
N SER A 50 18.54 -2.95 -13.21
CA SER A 50 17.68 -3.01 -14.38
C SER A 50 16.24 -3.07 -13.98
N THR A 51 15.43 -2.12 -14.44
CA THR A 51 13.99 -2.12 -14.18
C THR A 51 13.28 -2.93 -15.28
N PRO A 52 11.96 -3.18 -15.16
CA PRO A 52 11.25 -3.87 -16.26
C PRO A 52 11.42 -3.15 -17.61
N LEU A 53 11.43 -1.81 -17.62
CA LEU A 53 11.63 -1.04 -18.86
C LEU A 53 13.04 -1.26 -19.46
N HIS A 54 14.09 -1.39 -18.63
CA HIS A 54 15.45 -1.63 -19.15
C HIS A 54 15.48 -3.00 -19.87
N LEU A 55 14.85 -4.01 -19.26
CA LEU A 55 14.80 -5.39 -19.74
C LEU A 55 14.02 -5.53 -21.01
N ALA A 56 12.87 -4.84 -21.08
CA ALA A 56 12.01 -4.80 -22.25
C ALA A 56 12.74 -4.11 -23.43
N ALA A 57 13.49 -3.03 -23.11
CA ALA A 57 14.26 -2.29 -24.11
C ALA A 57 15.39 -3.17 -24.67
N ALA A 58 16.02 -4.01 -23.84
CA ALA A 58 17.10 -4.90 -24.29
C ALA A 58 16.58 -6.00 -25.20
N ILE A 59 15.45 -6.67 -24.84
CA ILE A 59 14.94 -7.75 -25.68
C ILE A 59 14.18 -7.24 -26.94
N GLY A 60 13.88 -5.94 -27.01
CA GLY A 60 13.21 -5.37 -28.17
C GLY A 60 11.71 -5.50 -28.22
N HIS A 61 11.09 -5.82 -27.08
CA HIS A 61 9.64 -5.98 -27.03
C HIS A 61 8.94 -4.62 -26.88
N LEU A 62 8.62 -3.97 -28.02
CA LEU A 62 7.99 -2.65 -28.06
C LEU A 62 6.64 -2.57 -27.31
N GLU A 63 5.80 -3.61 -27.38
CA GLU A 63 4.52 -3.58 -26.69
C GLU A 63 4.70 -3.62 -25.16
N ILE A 64 5.70 -4.37 -24.65
CA ILE A 64 5.97 -4.39 -23.21
C ILE A 64 6.43 -2.99 -22.78
N VAL A 65 7.31 -2.34 -23.58
CA VAL A 65 7.78 -0.98 -23.31
C VAL A 65 6.62 -0.01 -23.13
N GLU A 66 5.63 -0.06 -24.04
CA GLU A 66 4.43 0.77 -24.04
C GLU A 66 3.49 0.46 -22.88
N VAL A 67 3.35 -0.83 -22.52
CA VAL A 67 2.51 -1.21 -21.39
C VAL A 67 3.08 -0.66 -20.09
N LEU A 68 4.40 -0.81 -19.85
CA LEU A 68 5.05 -0.28 -18.66
C LEU A 68 4.94 1.23 -18.59
N LEU A 69 5.12 1.94 -19.72
CA LEU A 69 5.01 3.41 -19.81
C LEU A 69 3.58 3.88 -19.51
N LYS A 70 2.58 3.09 -19.95
CA LYS A 70 1.16 3.37 -19.70
C LYS A 70 0.88 3.25 -18.19
N TYR A 71 1.52 2.29 -17.52
CA TYR A 71 1.32 2.09 -16.09
C TYR A 71 2.24 2.93 -15.19
N GLY A 72 2.87 3.95 -15.73
CA GLY A 72 3.68 4.87 -14.94
C GLY A 72 5.16 4.60 -14.79
N ALA A 73 5.77 3.77 -15.67
CA ALA A 73 7.22 3.51 -15.58
C ALA A 73 8.03 4.78 -15.70
N ASP A 74 9.12 4.86 -14.92
CA ASP A 74 9.98 6.02 -14.94
C ASP A 74 10.86 5.85 -16.18
N VAL A 75 10.61 6.69 -17.20
CA VAL A 75 11.34 6.67 -18.48
C VAL A 75 12.84 7.03 -18.32
N ASN A 76 13.21 7.64 -17.18
CA ASN A 76 14.60 8.04 -16.96
C ASN A 76 15.27 7.33 -15.83
N ALA A 77 14.78 6.12 -15.46
CA ALA A 77 15.32 5.28 -14.39
C ALA A 77 16.74 4.85 -14.74
N GLU A 78 17.61 4.77 -13.74
CA GLU A 78 18.99 4.37 -13.96
C GLU A 78 19.32 3.02 -13.35
N ASP A 79 20.12 2.23 -14.05
CA ASP A 79 20.60 0.97 -13.53
C ASP A 79 21.88 1.21 -12.65
N ASN A 80 22.58 0.14 -12.19
CA ASN A 80 23.78 0.26 -11.34
C ASN A 80 24.92 1.08 -11.97
N TRP A 81 24.90 1.24 -13.27
CA TRP A 81 25.95 1.95 -13.98
C TRP A 81 25.55 3.36 -14.49
N GLY A 82 24.36 3.84 -14.13
CA GLY A 82 23.89 5.15 -14.59
C GLY A 82 23.18 5.12 -15.93
N ASN A 83 22.86 3.93 -16.44
CA ASN A 83 22.21 3.83 -17.75
C ASN A 83 20.73 3.94 -17.67
N THR A 84 20.18 4.75 -18.57
CA THR A 84 18.74 4.90 -18.67
C THR A 84 18.25 3.87 -19.71
N PRO A 85 16.93 3.65 -19.80
CA PRO A 85 16.44 2.74 -20.85
C PRO A 85 16.77 3.25 -22.26
N LEU A 86 16.91 4.57 -22.45
CA LEU A 86 17.29 5.12 -23.76
C LEU A 86 18.70 4.59 -24.17
N HIS A 87 19.64 4.56 -23.21
CA HIS A 87 21.00 4.02 -23.39
C HIS A 87 20.93 2.54 -23.78
N GLN A 88 20.15 1.74 -23.05
CA GLN A 88 19.96 0.33 -23.36
C GLN A 88 19.43 0.13 -24.78
N ALA A 89 18.35 0.87 -25.17
CA ALA A 89 17.73 0.77 -26.50
C ALA A 89 18.70 1.19 -27.60
N ALA A 90 19.45 2.27 -27.40
CA ALA A 90 20.44 2.71 -28.37
C ALA A 90 21.59 1.67 -28.51
N TRP A 91 22.17 1.20 -27.41
CA TRP A 91 23.24 0.20 -27.44
C TRP A 91 22.95 -1.05 -28.30
N VAL A 92 21.71 -1.54 -28.27
CA VAL A 92 21.34 -2.72 -29.06
C VAL A 92 20.64 -2.39 -30.40
N GLY A 93 20.50 -1.10 -30.72
CA GLY A 93 19.91 -0.64 -31.97
C GLY A 93 18.40 -0.73 -32.13
N HIS A 94 17.64 -0.64 -31.01
CA HIS A 94 16.18 -0.69 -31.12
C HIS A 94 15.59 0.70 -31.37
N LEU A 95 15.51 1.08 -32.66
CA LEU A 95 15.04 2.41 -33.12
C LEU A 95 13.63 2.79 -32.74
N GLU A 96 12.68 1.85 -32.88
CA GLU A 96 11.29 2.16 -32.57
C GLU A 96 11.09 2.35 -31.06
N ILE A 97 11.81 1.57 -30.24
CA ILE A 97 11.82 1.69 -28.80
C ILE A 97 12.45 3.01 -28.40
N VAL A 98 13.55 3.44 -29.08
CA VAL A 98 14.19 4.74 -28.84
C VAL A 98 13.14 5.86 -29.11
N GLU A 99 12.41 5.76 -30.23
CA GLU A 99 11.36 6.70 -30.60
C GLU A 99 10.22 6.75 -29.59
N VAL A 100 9.80 5.60 -29.06
CA VAL A 100 8.71 5.59 -28.05
C VAL A 100 9.21 6.16 -26.69
N LEU A 101 10.45 5.83 -26.29
CA LEU A 101 11.01 6.37 -25.05
C LEU A 101 11.15 7.90 -25.15
N LEU A 102 11.57 8.40 -26.33
CA LEU A 102 11.73 9.83 -26.54
C LEU A 102 10.38 10.55 -26.46
N LYS A 103 9.33 9.96 -27.04
CA LYS A 103 7.95 10.46 -27.03
C LYS A 103 7.37 10.53 -25.61
N ASN A 104 7.79 9.62 -24.73
CA ASN A 104 7.31 9.60 -23.36
C ASN A 104 8.24 10.28 -22.36
N GLY A 105 9.03 11.25 -22.82
CA GLY A 105 9.85 12.08 -21.96
C GLY A 105 11.29 11.69 -21.65
N ALA A 106 11.89 10.70 -22.36
CA ALA A 106 13.29 10.33 -22.11
C ALA A 106 14.22 11.52 -22.32
N ASP A 107 15.20 11.70 -21.43
CA ASP A 107 16.18 12.75 -21.56
C ASP A 107 17.12 12.30 -22.64
N VAL A 108 17.10 12.98 -23.79
CA VAL A 108 17.90 12.66 -24.96
C VAL A 108 19.43 12.87 -24.71
N ASN A 109 19.78 13.73 -23.77
CA ASN A 109 21.16 14.03 -23.45
C ASN A 109 21.63 13.40 -22.15
N ALA A 110 20.93 12.37 -21.62
CA ALA A 110 21.35 11.66 -20.40
C ALA A 110 22.69 11.00 -20.72
N GLN A 111 23.65 11.13 -19.82
CA GLN A 111 24.99 10.64 -20.00
C GLN A 111 25.23 9.42 -19.13
N ASP A 112 25.98 8.46 -19.68
CA ASP A 112 26.31 7.27 -18.98
C ASP A 112 27.61 7.50 -18.13
N LYS A 113 28.17 6.43 -17.54
CA LYS A 113 29.36 6.58 -16.70
C LYS A 113 30.61 7.05 -17.48
N PHE A 114 30.55 7.08 -18.80
CA PHE A 114 31.64 7.60 -19.63
C PHE A 114 31.32 8.98 -20.23
N GLY A 115 30.22 9.62 -19.79
CA GLY A 115 29.77 10.91 -20.29
C GLY A 115 29.07 10.86 -21.63
N LYS A 116 28.66 9.66 -22.06
CA LYS A 116 28.04 9.48 -23.37
C LYS A 116 26.53 9.43 -23.39
N THR A 117 25.96 10.05 -24.43
CA THR A 117 24.53 10.08 -24.67
C THR A 117 24.17 8.94 -25.62
N ALA A 118 22.84 8.73 -25.86
CA ALA A 118 22.36 7.76 -26.86
C ALA A 118 22.98 8.07 -28.25
N PHE A 119 23.15 9.36 -28.56
CA PHE A 119 23.80 9.75 -29.80
C PHE A 119 25.24 9.28 -29.87
N ASP A 120 26.05 9.49 -28.82
CA ASP A 120 27.47 9.07 -28.83
C ASP A 120 27.58 7.58 -29.02
N ILE A 121 26.71 6.80 -28.38
CA ILE A 121 26.67 5.35 -28.47
C ILE A 121 26.38 4.91 -29.91
N SER A 122 25.39 5.55 -30.56
CA SER A 122 25.00 5.23 -31.94
C SER A 122 26.14 5.50 -32.93
N ILE A 123 26.88 6.58 -32.71
CA ILE A 123 28.04 6.97 -33.51
C ILE A 123 29.19 5.98 -33.27
N ASP A 124 29.45 5.60 -32.01
CA ASP A 124 30.48 4.63 -31.66
C ASP A 124 30.22 3.25 -32.26
N ASN A 125 28.95 2.90 -32.53
CA ASN A 125 28.61 1.61 -33.12
C ASN A 125 28.32 1.68 -34.65
N GLY A 126 28.39 2.88 -35.23
CA GLY A 126 28.15 3.05 -36.67
C GLY A 126 26.71 2.92 -37.10
N ASN A 127 25.75 3.11 -36.19
CA ASN A 127 24.33 3.03 -36.55
C ASN A 127 23.92 4.40 -37.08
N GLU A 128 23.93 4.59 -38.41
CA GLU A 128 23.60 5.88 -39.00
C GLU A 128 22.14 6.25 -38.83
N ASP A 129 21.24 5.24 -38.85
CA ASP A 129 19.81 5.50 -38.73
C ASP A 129 19.44 5.96 -37.35
N LEU A 130 20.04 5.35 -36.33
CA LEU A 130 19.78 5.73 -34.95
C LEU A 130 20.26 7.15 -34.71
N ALA A 131 21.52 7.47 -35.11
CA ALA A 131 22.04 8.82 -34.99
C ALA A 131 21.11 9.86 -35.67
N GLU A 132 20.63 9.53 -36.89
CA GLU A 132 19.73 10.41 -37.64
C GLU A 132 18.41 10.64 -36.90
N ILE A 133 17.79 9.57 -36.37
CA ILE A 133 16.55 9.65 -35.60
C ILE A 133 16.75 10.59 -34.40
N LEU A 134 17.83 10.38 -33.63
CA LEU A 134 18.15 11.19 -32.46
C LEU A 134 18.35 12.65 -32.82
N GLN A 135 18.96 12.92 -33.96
CA GLN A 135 19.14 14.28 -34.43
C GLN A 135 17.82 14.92 -34.79
N LYS A 136 16.98 14.24 -35.59
CA LYS A 136 15.69 14.78 -36.06
C LYS A 136 14.64 14.91 -34.97
N LEU A 137 14.59 13.94 -34.04
CA LEU A 137 13.61 13.98 -32.96
C LEU A 137 13.98 15.04 -31.92
N ASN A 138 15.29 15.35 -31.76
CA ASN A 138 15.69 16.34 -30.77
C ASN A 138 16.77 17.29 -31.23
N CYS B 7 -9.91 -14.63 22.35
CA CYS B 7 -8.63 -14.61 21.65
C CYS B 7 -8.47 -15.85 20.78
N ASP B 8 -7.77 -15.70 19.65
CA ASP B 8 -7.50 -16.80 18.73
C ASP B 8 -6.50 -17.76 19.40
N PRO B 9 -6.65 -19.09 19.19
CA PRO B 9 -5.69 -20.02 19.84
C PRO B 9 -4.23 -19.88 19.40
N LEU B 10 -3.98 -19.17 18.29
CA LEU B 10 -2.60 -18.97 17.82
C LEU B 10 -1.86 -17.82 18.53
N CYS B 11 -2.54 -17.04 19.38
CA CYS B 11 -1.87 -15.97 20.12
C CYS B 11 -1.12 -16.59 21.31
N SER B 12 -0.01 -15.96 21.71
CA SER B 12 0.83 -16.42 22.82
C SER B 12 0.11 -16.27 24.20
N SER B 13 0.80 -16.65 25.30
CA SER B 13 0.27 -16.53 26.67
C SER B 13 -0.10 -15.08 27.02
N GLY B 14 0.65 -14.13 26.47
CA GLY B 14 0.49 -12.69 26.70
C GLY B 14 -0.94 -12.17 26.60
N GLY B 15 -1.54 -12.35 25.43
CA GLY B 15 -2.91 -11.89 25.19
C GLY B 15 -3.12 -11.32 23.80
N CYS B 16 -4.30 -10.76 23.57
CA CYS B 16 -4.64 -10.20 22.25
C CYS B 16 -5.60 -8.98 22.35
N TRP B 17 -5.78 -8.25 21.23
CA TRP B 17 -6.72 -7.13 21.18
C TRP B 17 -8.03 -7.44 20.43
N GLY B 18 -8.16 -8.65 19.89
CA GLY B 18 -9.31 -9.11 19.13
C GLY B 18 -9.24 -10.61 18.87
N PRO B 19 -10.39 -11.27 18.63
CA PRO B 19 -10.37 -12.73 18.45
C PRO B 19 -9.73 -13.29 17.18
N GLY B 20 -9.33 -12.44 16.24
CA GLY B 20 -8.75 -12.92 14.98
C GLY B 20 -7.28 -13.28 15.00
N PRO B 21 -6.84 -14.07 14.01
CA PRO B 21 -5.41 -14.44 13.96
C PRO B 21 -4.47 -13.25 13.72
N GLY B 22 -4.98 -12.23 13.04
CA GLY B 22 -4.20 -11.02 12.79
C GLY B 22 -4.46 -9.93 13.80
N GLN B 23 -4.97 -10.31 15.00
CA GLN B 23 -5.30 -9.40 16.09
C GLN B 23 -4.70 -9.81 17.43
N CYS B 24 -3.55 -10.51 17.41
CA CYS B 24 -2.83 -10.90 18.63
C CYS B 24 -1.73 -9.87 18.89
N LEU B 25 -1.27 -9.77 20.14
CA LEU B 25 -0.14 -8.87 20.46
C LEU B 25 1.21 -9.53 20.06
N SER B 26 1.26 -10.89 20.10
CA SER B 26 2.42 -11.72 19.72
C SER B 26 1.92 -13.12 19.29
N CYS B 27 2.65 -13.78 18.38
CA CYS B 27 2.24 -15.10 17.89
C CYS B 27 2.88 -16.23 18.69
N ARG B 28 2.20 -17.37 18.78
CA ARG B 28 2.72 -18.54 19.46
C ARG B 28 3.87 -19.15 18.62
N ASN B 29 3.65 -19.36 17.31
CA ASN B 29 4.68 -19.93 16.45
C ASN B 29 5.15 -18.96 15.32
N TYR B 30 4.42 -18.84 14.19
CA TYR B 30 4.85 -18.00 13.07
C TYR B 30 3.85 -16.91 12.71
N SER B 31 4.30 -15.87 11.99
CA SER B 31 3.40 -14.82 11.51
C SER B 31 3.64 -14.48 10.03
N ARG B 32 2.56 -14.36 9.26
CA ARG B 32 2.65 -13.98 7.86
C ARG B 32 1.95 -12.63 7.71
N GLY B 33 2.73 -11.58 7.53
CA GLY B 33 2.23 -10.21 7.42
C GLY B 33 1.45 -9.79 8.64
N GLY B 34 2.01 -10.05 9.82
CA GLY B 34 1.35 -9.74 11.08
C GLY B 34 0.20 -10.65 11.47
N VAL B 35 -0.15 -11.66 10.66
CA VAL B 35 -1.24 -12.58 10.98
C VAL B 35 -0.63 -13.87 11.50
N CYS B 36 -1.07 -14.37 12.67
CA CYS B 36 -0.51 -15.60 13.23
C CYS B 36 -0.93 -16.83 12.45
N VAL B 37 0.04 -17.72 12.18
CA VAL B 37 -0.16 -18.97 11.44
C VAL B 37 0.48 -20.14 12.20
N THR B 38 0.02 -21.37 11.93
CA THR B 38 0.58 -22.55 12.56
C THR B 38 2.02 -22.82 12.06
N HIS B 39 2.30 -22.51 10.78
CA HIS B 39 3.62 -22.66 10.16
C HIS B 39 3.67 -21.94 8.79
N CYS B 40 4.88 -21.65 8.31
CA CYS B 40 5.08 -21.04 6.99
C CYS B 40 4.90 -22.11 5.88
N ASN B 41 4.88 -21.68 4.61
CA ASN B 41 4.78 -22.60 3.49
C ASN B 41 6.20 -23.15 3.18
N PHE B 42 6.79 -23.86 4.14
CA PHE B 42 8.13 -24.40 4.02
C PHE B 42 8.18 -25.54 3.01
N LEU B 43 7.35 -26.57 3.22
CA LEU B 43 7.35 -27.79 2.44
C LEU B 43 6.22 -27.86 1.42
N ASN B 44 5.11 -27.18 1.68
CA ASN B 44 3.91 -27.18 0.84
C ASN B 44 3.28 -25.77 0.72
N GLY B 45 2.32 -25.62 -0.19
CA GLY B 45 1.56 -24.38 -0.37
C GLY B 45 2.20 -23.37 -1.29
N GLU B 46 1.47 -22.29 -1.61
CA GLU B 46 1.98 -21.25 -2.50
C GLU B 46 1.71 -19.88 -1.91
N PRO B 47 2.64 -18.92 -2.00
CA PRO B 47 4.01 -19.09 -2.49
C PRO B 47 4.86 -19.87 -1.49
N ARG B 48 5.95 -20.52 -1.93
CA ARG B 48 6.86 -21.20 -0.99
C ARG B 48 7.54 -20.15 -0.13
N GLU B 49 7.86 -20.50 1.11
CA GLU B 49 8.45 -19.54 2.03
C GLU B 49 9.63 -20.07 2.82
N PHE B 50 10.36 -19.11 3.44
CA PHE B 50 11.42 -19.30 4.42
C PHE B 50 11.01 -18.46 5.66
N ALA B 51 11.68 -18.68 6.80
CA ALA B 51 11.39 -17.91 8.00
C ALA B 51 12.61 -17.14 8.47
N HIS B 52 12.36 -16.02 9.15
CA HIS B 52 13.37 -15.18 9.77
C HIS B 52 12.71 -14.52 10.96
N GLU B 53 13.24 -14.77 12.17
CA GLU B 53 12.69 -14.24 13.42
C GLU B 53 11.19 -14.55 13.58
N ALA B 54 10.80 -15.80 13.27
CA ALA B 54 9.41 -16.30 13.36
C ALA B 54 8.42 -15.60 12.40
N GLU B 55 8.92 -15.07 11.28
CA GLU B 55 8.08 -14.42 10.28
C GLU B 55 8.23 -15.13 8.96
N CYS B 56 7.14 -15.28 8.23
CA CYS B 56 7.14 -15.98 6.95
C CYS B 56 7.33 -15.00 5.81
N PHE B 57 8.30 -15.28 4.92
CA PHE B 57 8.63 -14.47 3.76
C PHE B 57 8.65 -15.35 2.52
N SER B 58 8.26 -14.83 1.36
CA SER B 58 8.22 -15.60 0.12
C SER B 58 9.57 -15.84 -0.52
N CYS B 59 9.72 -17.03 -1.11
CA CYS B 59 10.90 -17.37 -1.89
C CYS B 59 10.78 -16.60 -3.19
N HIS B 60 11.91 -16.32 -3.84
CA HIS B 60 11.92 -15.66 -5.13
C HIS B 60 11.07 -16.49 -6.15
N PRO B 61 10.27 -15.85 -7.03
CA PRO B 61 9.41 -16.63 -7.92
C PRO B 61 10.13 -17.52 -8.92
N GLU B 62 11.45 -17.35 -9.07
CA GLU B 62 12.27 -18.20 -9.94
C GLU B 62 12.81 -19.45 -9.24
N CYS B 63 12.53 -19.62 -7.93
CA CYS B 63 12.96 -20.84 -7.24
C CYS B 63 11.99 -21.94 -7.65
N GLN B 64 12.52 -23.10 -8.03
CA GLN B 64 11.71 -24.26 -8.33
C GLN B 64 11.10 -24.74 -7.00
N PRO B 65 9.75 -24.76 -6.90
CA PRO B 65 9.11 -25.24 -5.68
C PRO B 65 9.46 -26.70 -5.46
N MET B 66 10.12 -27.00 -4.32
CA MET B 66 10.58 -28.35 -3.98
C MET B 66 9.56 -29.12 -3.17
N GLU B 67 9.51 -30.42 -3.31
CA GLU B 67 8.56 -31.26 -2.56
C GLU B 67 9.28 -32.01 -1.46
N GLY B 68 8.78 -31.90 -0.23
CA GLY B 68 9.40 -32.55 0.92
C GLY B 68 10.67 -31.92 1.44
N THR B 69 11.10 -30.81 0.83
CA THR B 69 12.28 -30.06 1.24
C THR B 69 12.09 -28.57 0.97
N ALA B 70 12.89 -27.72 1.65
CA ALA B 70 12.82 -26.27 1.51
C ALA B 70 13.09 -25.80 0.09
N THR B 71 12.33 -24.79 -0.35
CA THR B 71 12.48 -24.23 -1.69
C THR B 71 13.57 -23.13 -1.74
N CYS B 72 13.85 -22.49 -0.60
CA CYS B 72 14.83 -21.43 -0.49
C CYS B 72 15.22 -21.20 0.97
N ASN B 73 16.30 -20.43 1.24
CA ASN B 73 16.62 -19.97 2.60
C ASN B 73 16.63 -18.40 2.74
N GLY B 74 16.25 -17.71 1.69
CA GLY B 74 16.17 -16.27 1.66
C GLY B 74 15.23 -15.80 0.59
N SER B 75 15.13 -14.48 0.43
CA SER B 75 14.23 -13.91 -0.57
C SER B 75 14.87 -13.74 -1.94
N GLY B 76 16.20 -13.79 -2.01
CA GLY B 76 16.89 -13.61 -3.27
C GLY B 76 16.85 -14.80 -4.19
N SER B 77 16.92 -14.53 -5.49
CA SER B 77 17.00 -15.54 -6.55
C SER B 77 18.30 -16.35 -6.51
N ASP B 78 19.22 -16.02 -5.58
CA ASP B 78 20.47 -16.72 -5.34
C ASP B 78 20.37 -17.65 -4.12
N THR B 79 19.20 -17.80 -3.48
CA THR B 79 19.07 -18.69 -2.32
C THR B 79 18.05 -19.81 -2.58
N CYS B 80 17.78 -20.16 -3.84
CA CYS B 80 16.91 -21.26 -4.23
C CYS B 80 17.65 -22.58 -4.08
N ALA B 81 16.90 -23.65 -3.76
CA ALA B 81 17.50 -24.98 -3.75
C ALA B 81 17.73 -25.40 -5.24
N GLN B 82 16.91 -24.87 -6.19
CA GLN B 82 16.97 -25.16 -7.63
C GLN B 82 16.27 -24.06 -8.42
N CYS B 83 16.81 -23.74 -9.61
CA CYS B 83 16.21 -22.73 -10.47
C CYS B 83 15.08 -23.37 -11.27
N ALA B 84 13.91 -22.70 -11.31
CA ALA B 84 12.76 -23.26 -12.04
C ALA B 84 13.03 -23.25 -13.56
N HIS B 85 13.74 -22.23 -14.05
CA HIS B 85 14.01 -22.14 -15.49
C HIS B 85 15.52 -22.11 -15.77
N PHE B 86 16.17 -20.91 -15.81
CA PHE B 86 17.61 -20.82 -16.10
C PHE B 86 18.42 -20.22 -14.97
N ARG B 87 19.75 -20.40 -14.99
CA ARG B 87 20.60 -19.80 -13.98
C ARG B 87 21.71 -18.95 -14.60
N ASP B 88 21.83 -17.70 -14.16
CA ASP B 88 22.89 -16.83 -14.62
C ASP B 88 23.78 -16.51 -13.43
N GLY B 89 24.93 -17.18 -13.34
CA GLY B 89 25.85 -17.03 -12.23
C GLY B 89 25.19 -17.59 -10.99
N PRO B 90 25.02 -16.75 -9.97
CA PRO B 90 24.33 -17.22 -8.77
C PRO B 90 22.81 -17.00 -8.81
N HIS B 91 22.25 -16.31 -9.82
CA HIS B 91 20.82 -15.99 -9.83
C HIS B 91 19.92 -16.81 -10.74
N CYS B 92 18.77 -17.24 -10.22
CA CYS B 92 17.73 -17.92 -10.97
C CYS B 92 16.99 -16.87 -11.79
N VAL B 93 16.97 -17.04 -13.10
CA VAL B 93 16.38 -16.08 -14.02
C VAL B 93 15.44 -16.82 -14.98
N SER B 94 14.44 -16.12 -15.49
CA SER B 94 13.49 -16.68 -16.46
C SER B 94 14.08 -16.82 -17.86
N SER B 95 15.22 -16.18 -18.12
CA SER B 95 15.81 -16.12 -19.44
C SER B 95 17.24 -15.63 -19.33
N CYS B 96 18.14 -16.12 -20.21
CA CYS B 96 19.53 -15.68 -20.23
C CYS B 96 19.60 -14.24 -20.79
N PRO B 97 20.64 -13.45 -20.47
CA PRO B 97 20.69 -12.07 -20.96
C PRO B 97 20.53 -11.91 -22.47
N HIS B 98 19.78 -10.89 -22.92
CA HIS B 98 19.53 -10.60 -24.33
C HIS B 98 20.05 -9.19 -24.63
N GLY B 99 21.30 -8.95 -24.29
CA GLY B 99 21.94 -7.67 -24.54
C GLY B 99 21.70 -6.63 -23.48
N VAL B 100 21.26 -7.05 -22.26
CA VAL B 100 21.06 -6.16 -21.12
C VAL B 100 22.41 -5.62 -20.71
N LEU B 101 22.50 -4.31 -20.50
CA LEU B 101 23.75 -3.67 -20.14
C LEU B 101 24.33 -4.12 -18.79
N GLY B 102 25.62 -4.39 -18.86
CA GLY B 102 26.49 -4.67 -17.72
C GLY B 102 27.58 -3.61 -17.63
N ALA B 103 28.58 -3.81 -16.76
CA ALA B 103 29.67 -2.86 -16.59
C ALA B 103 30.35 -2.39 -17.90
N LYS B 104 30.55 -3.26 -18.91
CA LYS B 104 31.22 -2.83 -20.15
C LYS B 104 30.33 -2.79 -21.43
N GLY B 105 29.01 -2.82 -21.26
CA GLY B 105 28.08 -2.77 -22.39
C GLY B 105 27.09 -3.91 -22.39
N PRO B 106 26.49 -4.20 -23.55
CA PRO B 106 25.49 -5.31 -23.64
C PRO B 106 25.98 -6.73 -23.35
N ILE B 107 25.23 -7.48 -22.52
CA ILE B 107 25.57 -8.87 -22.23
C ILE B 107 24.64 -9.85 -22.93
N TYR B 108 25.20 -10.73 -23.76
CA TYR B 108 24.45 -11.80 -24.47
C TYR B 108 24.96 -13.12 -23.96
N LYS B 109 24.06 -14.04 -23.64
CA LYS B 109 24.40 -15.40 -23.19
C LYS B 109 23.45 -16.40 -23.83
N TYR B 110 23.79 -17.69 -23.79
CA TYR B 110 22.93 -18.74 -24.32
C TYR B 110 22.73 -19.79 -23.21
N PRO B 111 21.58 -20.49 -23.18
CA PRO B 111 21.42 -21.54 -22.16
C PRO B 111 22.05 -22.86 -22.61
N ASP B 112 22.79 -23.53 -21.73
CA ASP B 112 23.38 -24.83 -22.08
C ASP B 112 22.38 -25.99 -21.78
N VAL B 113 22.79 -27.27 -21.96
CA VAL B 113 21.96 -28.45 -21.74
C VAL B 113 21.42 -28.51 -20.31
N GLN B 114 22.17 -27.97 -19.34
CA GLN B 114 21.82 -27.91 -17.93
C GLN B 114 21.12 -26.60 -17.53
N ASN B 115 20.65 -25.82 -18.52
CA ASN B 115 19.97 -24.52 -18.38
C ASN B 115 20.79 -23.50 -17.62
N GLU B 116 22.09 -23.49 -17.84
CA GLU B 116 23.03 -22.57 -17.24
C GLU B 116 23.41 -21.55 -18.32
N CYS B 117 23.39 -20.25 -18.01
CA CYS B 117 23.71 -19.22 -18.98
C CYS B 117 25.23 -19.08 -19.18
N ARG B 118 25.66 -19.33 -20.43
CA ARG B 118 27.07 -19.25 -20.77
C ARG B 118 27.31 -18.10 -21.72
N PRO B 119 28.52 -17.51 -21.67
CA PRO B 119 28.81 -16.39 -22.57
C PRO B 119 28.73 -16.70 -24.06
N CYS B 120 28.23 -15.71 -24.81
CA CYS B 120 28.23 -15.73 -26.26
C CYS B 120 29.64 -15.34 -26.64
N HIS B 121 30.04 -15.62 -27.88
CA HIS B 121 31.34 -15.20 -28.38
C HIS B 121 31.39 -13.66 -28.40
N GLU B 122 32.58 -13.09 -28.15
CA GLU B 122 32.85 -11.66 -28.13
C GLU B 122 32.23 -10.88 -29.30
N ASN B 123 32.28 -11.45 -30.51
CA ASN B 123 31.78 -10.74 -31.68
C ASN B 123 30.31 -10.99 -32.06
N CYS B 124 29.45 -11.49 -31.14
CA CYS B 124 28.02 -11.67 -31.45
C CYS B 124 27.22 -10.39 -31.08
N THR B 125 26.42 -9.84 -32.03
CA THR B 125 25.66 -8.60 -31.80
C THR B 125 24.11 -8.82 -31.67
N GLN B 126 23.58 -9.94 -32.14
CA GLN B 126 22.14 -10.25 -32.01
C GLN B 126 21.87 -11.45 -31.07
N GLY B 127 22.86 -11.85 -30.27
CA GLY B 127 22.75 -13.03 -29.42
C GLY B 127 23.48 -14.23 -30.01
N CYS B 128 23.30 -15.41 -29.40
CA CYS B 128 23.94 -16.64 -29.87
C CYS B 128 23.15 -17.88 -29.43
N LYS B 129 23.43 -19.02 -30.04
CA LYS B 129 22.87 -20.31 -29.63
C LYS B 129 23.99 -21.27 -29.11
N GLY B 130 25.21 -20.74 -28.93
CA GLY B 130 26.39 -21.48 -28.47
C GLY B 130 27.59 -20.58 -28.23
N PRO B 131 28.77 -21.18 -27.92
CA PRO B 131 29.94 -20.36 -27.61
C PRO B 131 30.84 -19.95 -28.78
N GLU B 132 30.67 -20.57 -29.94
CA GLU B 132 31.53 -20.30 -31.11
C GLU B 132 31.10 -19.07 -31.93
N LEU B 133 31.99 -18.51 -32.76
CA LEU B 133 31.59 -17.41 -33.65
C LEU B 133 30.47 -17.85 -34.62
N GLN B 134 30.55 -19.09 -35.14
CA GLN B 134 29.50 -19.61 -36.04
C GLN B 134 28.15 -19.85 -35.34
N ASP B 135 28.09 -19.69 -34.01
CA ASP B 135 26.89 -19.84 -33.21
C ASP B 135 26.14 -18.52 -33.00
N CYS B 136 26.69 -17.37 -33.49
CA CYS B 136 26.05 -16.05 -33.39
C CYS B 136 24.67 -16.13 -34.08
N LEU B 137 23.63 -15.60 -33.41
CA LEU B 137 22.22 -15.52 -33.74
C LEU B 137 21.43 -16.68 -33.17
N GLY C 13 -4.25 0.02 5.33
CA GLY C 13 -4.68 0.46 6.64
C GLY C 13 -6.01 1.20 6.63
N SER C 14 -6.91 0.82 5.67
CA SER C 14 -8.23 1.43 5.46
C SER C 14 -9.26 0.99 6.50
N ASP C 15 -9.36 -0.33 6.74
CA ASP C 15 -10.26 -0.90 7.75
C ASP C 15 -9.79 -0.46 9.14
N LEU C 16 -8.47 -0.43 9.34
CA LEU C 16 -7.84 0.01 10.56
C LEU C 16 -8.02 1.50 10.82
N GLY C 17 -8.20 2.31 9.78
CA GLY C 17 -8.44 3.74 9.91
C GLY C 17 -9.84 4.03 10.42
N LYS C 18 -10.83 3.19 10.00
CA LYS C 18 -12.21 3.24 10.49
C LYS C 18 -12.19 2.91 11.99
N LYS C 19 -11.43 1.89 12.38
CA LYS C 19 -11.25 1.50 13.78
C LYS C 19 -10.54 2.60 14.57
N LEU C 20 -9.55 3.24 13.95
CA LEU C 20 -8.79 4.32 14.54
C LEU C 20 -9.70 5.52 14.86
N LEU C 21 -10.61 5.88 13.94
CA LEU C 21 -11.54 6.98 14.20
C LEU C 21 -12.41 6.67 15.44
N GLU C 22 -12.87 5.41 15.57
CA GLU C 22 -13.70 5.02 16.71
C GLU C 22 -12.92 4.95 18.02
N ALA C 23 -11.65 4.53 17.97
CA ALA C 23 -10.83 4.48 19.19
C ALA C 23 -10.53 5.89 19.66
N ALA C 24 -10.24 6.82 18.73
CA ALA C 24 -9.96 8.21 19.09
C ALA C 24 -11.22 8.88 19.61
N ARG C 25 -12.37 8.58 18.99
CA ARG C 25 -13.68 9.10 19.36
C ARG C 25 -14.02 8.74 20.81
N ALA C 26 -13.72 7.50 21.24
CA ALA C 26 -14.05 7.03 22.59
C ALA C 26 -12.95 7.21 23.63
N GLY C 27 -11.81 7.80 23.24
CA GLY C 27 -10.71 8.02 24.17
C GLY C 27 -10.12 6.71 24.65
N GLN C 28 -9.89 5.77 23.70
CA GLN C 28 -9.33 4.44 23.98
C GLN C 28 -7.87 4.44 23.62
N ASP C 29 -7.04 5.02 24.52
CA ASP C 29 -5.60 5.21 24.39
C ASP C 29 -4.82 3.98 23.97
N ASP C 30 -5.02 2.84 24.65
CA ASP C 30 -4.33 1.61 24.28
C ASP C 30 -4.77 1.09 22.94
N GLU C 31 -6.06 1.20 22.63
CA GLU C 31 -6.59 0.81 21.34
C GLU C 31 -5.98 1.64 20.22
N VAL C 32 -5.84 2.95 20.40
CA VAL C 32 -5.18 3.80 19.42
C VAL C 32 -3.71 3.36 19.20
N ARG C 33 -2.97 3.10 20.27
CA ARG C 33 -1.57 2.70 20.17
C ARG C 33 -1.41 1.40 19.37
N ILE C 34 -2.22 0.37 19.67
CA ILE C 34 -2.19 -0.92 18.97
C ILE C 34 -2.50 -0.70 17.49
N LEU C 35 -3.54 0.09 17.20
CA LEU C 35 -3.94 0.39 15.83
C LEU C 35 -2.85 1.16 15.08
N MET C 36 -2.13 2.09 15.74
CA MET C 36 -1.04 2.80 15.08
C MET C 36 0.15 1.89 14.78
N ALA C 37 0.50 1.01 15.74
CA ALA C 37 1.59 0.06 15.55
C ALA C 37 1.31 -0.88 14.37
N ASN C 38 0.01 -1.19 14.13
CA ASN C 38 -0.43 -2.03 13.01
C ASN C 38 -0.62 -1.26 11.68
N GLY C 39 -0.20 -0.01 11.64
CA GLY C 39 -0.26 0.78 10.41
C GLY C 39 -1.59 1.38 9.99
N ALA C 40 -2.43 1.78 10.96
CA ALA C 40 -3.71 2.43 10.65
C ALA C 40 -3.52 3.81 9.99
N ASP C 41 -4.38 4.16 9.03
CA ASP C 41 -4.32 5.44 8.33
C ASP C 41 -4.59 6.57 9.33
N VAL C 42 -3.55 7.33 9.65
CA VAL C 42 -3.57 8.41 10.63
C VAL C 42 -4.44 9.60 10.18
N ASN C 43 -4.53 9.83 8.87
CA ASN C 43 -5.30 10.94 8.32
C ASN C 43 -6.66 10.51 7.78
N ALA C 44 -7.22 9.43 8.33
CA ALA C 44 -8.54 8.97 7.98
C ALA C 44 -9.58 9.99 8.52
N PHE C 45 -10.77 10.01 7.95
CA PHE C 45 -11.81 10.95 8.39
C PHE C 45 -13.21 10.33 8.35
N ASP C 46 -14.06 10.66 9.32
CA ASP C 46 -15.41 10.11 9.40
C ASP C 46 -16.43 10.91 8.52
N HIS C 47 -17.76 10.71 8.69
CA HIS C 47 -18.78 11.43 7.90
C HIS C 47 -18.81 12.93 8.09
N ASN C 48 -18.23 13.42 9.19
CA ASN C 48 -18.13 14.84 9.45
C ASN C 48 -16.79 15.44 8.99
N GLY C 49 -15.89 14.63 8.40
CA GLY C 49 -14.56 15.06 7.99
C GLY C 49 -13.59 15.19 9.17
N SER C 50 -14.03 14.74 10.35
CA SER C 50 -13.24 14.76 11.57
C SER C 50 -12.21 13.65 11.46
N THR C 51 -10.94 14.01 11.63
CA THR C 51 -9.87 13.02 11.65
C THR C 51 -9.70 12.49 13.06
N PRO C 52 -8.91 11.43 13.29
CA PRO C 52 -8.63 11.01 14.68
C PRO C 52 -8.06 12.15 15.53
N LEU C 53 -7.21 13.05 14.95
CA LEU C 53 -6.64 14.20 15.68
C LEU C 53 -7.76 15.20 16.08
N HIS C 54 -8.87 15.27 15.34
CA HIS C 54 -9.99 16.16 15.70
C HIS C 54 -10.78 15.54 16.86
N LEU C 55 -11.04 14.22 16.79
CA LEU C 55 -11.80 13.51 17.80
C LEU C 55 -11.08 13.46 19.15
N ALA C 56 -9.74 13.26 19.10
CA ALA C 56 -8.88 13.24 20.29
C ALA C 56 -8.81 14.62 20.90
N ALA C 57 -8.72 15.68 20.07
CA ALA C 57 -8.69 17.05 20.56
C ALA C 57 -10.01 17.42 21.24
N ALA C 58 -11.14 16.87 20.75
CA ALA C 58 -12.44 17.14 21.34
C ALA C 58 -12.61 16.48 22.70
N ILE C 59 -12.23 15.18 22.84
CA ILE C 59 -12.42 14.48 24.11
C ILE C 59 -11.37 14.89 25.19
N GLY C 60 -10.24 15.47 24.77
CA GLY C 60 -9.24 15.92 25.69
C GLY C 60 -8.19 14.89 26.06
N HIS C 61 -8.02 13.86 25.22
CA HIS C 61 -7.00 12.83 25.49
C HIS C 61 -5.68 13.24 24.87
N LEU C 62 -4.86 13.96 25.66
CA LEU C 62 -3.57 14.47 25.22
C LEU C 62 -2.57 13.38 24.75
N GLU C 63 -2.62 12.18 25.33
CA GLU C 63 -1.70 11.12 24.90
C GLU C 63 -2.08 10.60 23.52
N ILE C 64 -3.38 10.57 23.18
CA ILE C 64 -3.81 10.15 21.85
C ILE C 64 -3.33 11.18 20.84
N VAL C 65 -3.47 12.48 21.14
CA VAL C 65 -3.02 13.58 20.29
C VAL C 65 -1.53 13.42 19.93
N GLU C 66 -0.71 13.10 20.93
CA GLU C 66 0.74 12.92 20.81
C GLU C 66 1.12 11.68 20.01
N VAL C 67 0.38 10.58 20.20
CA VAL C 67 0.63 9.36 19.43
C VAL C 67 0.29 9.59 17.95
N LEU C 68 -0.85 10.24 17.65
CA LEU C 68 -1.22 10.53 16.26
C LEU C 68 -0.18 11.42 15.57
N LEU C 69 0.28 12.52 16.24
CA LEU C 69 1.32 13.40 15.70
C LEU C 69 2.66 12.67 15.50
N LYS C 70 2.96 11.68 16.34
CA LYS C 70 4.17 10.84 16.23
C LYS C 70 4.08 9.95 14.99
N TYR C 71 2.87 9.45 14.69
CA TYR C 71 2.66 8.59 13.54
C TYR C 71 2.35 9.35 12.22
N GLY C 72 2.57 10.66 12.20
CA GLY C 72 2.41 11.48 11.01
C GLY C 72 1.09 12.17 10.77
N ALA C 73 0.27 12.40 11.81
CA ALA C 73 -1.02 13.09 11.59
C ALA C 73 -0.81 14.52 11.12
N ASP C 74 -1.60 14.93 10.14
CA ASP C 74 -1.55 16.26 9.58
C ASP C 74 -2.14 17.19 10.64
N VAL C 75 -1.32 18.06 11.20
CA VAL C 75 -1.71 18.98 12.27
C VAL C 75 -2.66 20.09 11.79
N ASN C 76 -2.75 20.30 10.48
CA ASN C 76 -3.60 21.33 9.91
C ASN C 76 -4.75 20.77 9.09
N ALA C 77 -5.17 19.52 9.36
CA ALA C 77 -6.25 18.81 8.69
C ALA C 77 -7.56 19.55 8.90
N GLU C 78 -8.38 19.73 7.85
CA GLU C 78 -9.66 20.43 7.98
C GLU C 78 -10.87 19.52 7.93
N ASP C 79 -11.87 19.76 8.79
CA ASP C 79 -13.10 18.96 8.76
C ASP C 79 -14.07 19.49 7.64
N ASN C 80 -15.34 19.02 7.59
CA ASN C 80 -16.31 19.48 6.57
C ASN C 80 -16.62 21.00 6.65
N TRP C 81 -16.23 21.66 7.75
CA TRP C 81 -16.52 23.07 7.94
C TRP C 81 -15.29 24.00 7.86
N GLY C 82 -14.12 23.45 7.56
CA GLY C 82 -12.89 24.24 7.53
C GLY C 82 -12.15 24.28 8.86
N ASN C 83 -12.58 23.50 9.85
CA ASN C 83 -11.93 23.51 11.17
C ASN C 83 -10.72 22.63 11.26
N THR C 84 -9.66 23.16 11.89
CA THR C 84 -8.46 22.39 12.13
C THR C 84 -8.53 21.87 13.58
N PRO C 85 -7.73 20.86 13.94
CA PRO C 85 -7.72 20.39 15.34
C PRO C 85 -7.43 21.52 16.36
N LEU C 86 -6.77 22.61 15.95
CA LEU C 86 -6.51 23.76 16.85
C LEU C 86 -7.83 24.48 17.15
N HIS C 87 -8.70 24.69 16.13
CA HIS C 87 -10.05 25.27 16.31
C HIS C 87 -10.83 24.37 17.28
N GLN C 88 -10.82 23.04 17.03
CA GLN C 88 -11.48 22.08 17.93
C GLN C 88 -10.98 22.22 19.40
N ALA C 89 -9.64 22.17 19.64
CA ALA C 89 -9.06 22.30 21.00
C ALA C 89 -9.35 23.64 21.65
N ALA C 90 -9.37 24.74 20.87
CA ALA C 90 -9.67 26.08 21.40
C ALA C 90 -11.14 26.20 21.81
N TRP C 91 -12.09 25.72 20.97
CA TRP C 91 -13.52 25.78 21.26
C TRP C 91 -13.91 25.15 22.59
N VAL C 92 -13.30 24.01 22.92
CA VAL C 92 -13.56 23.29 24.16
C VAL C 92 -12.53 23.61 25.29
N GLY C 93 -11.65 24.58 25.06
CA GLY C 93 -10.66 25.07 26.01
C GLY C 93 -9.69 24.05 26.56
N HIS C 94 -9.04 23.28 25.68
CA HIS C 94 -8.06 22.28 26.10
C HIS C 94 -6.70 22.87 25.84
N LEU C 95 -6.23 23.68 26.80
CA LEU C 95 -4.97 24.41 26.72
C LEU C 95 -3.78 23.52 26.48
N GLU C 96 -3.71 22.37 27.15
CA GLU C 96 -2.60 21.42 27.02
C GLU C 96 -2.49 20.91 25.58
N ILE C 97 -3.63 20.54 24.98
CA ILE C 97 -3.72 20.06 23.60
C ILE C 97 -3.40 21.20 22.62
N VAL C 98 -3.93 22.43 22.84
CA VAL C 98 -3.59 23.61 22.03
C VAL C 98 -2.04 23.81 22.01
N GLU C 99 -1.38 23.67 23.17
CA GLU C 99 0.08 23.80 23.26
C GLU C 99 0.82 22.70 22.48
N VAL C 100 0.36 21.45 22.59
CA VAL C 100 0.98 20.33 21.86
C VAL C 100 0.71 20.49 20.35
N LEU C 101 -0.46 21.02 19.94
CA LEU C 101 -0.72 21.26 18.53
C LEU C 101 0.19 22.36 17.98
N LEU C 102 0.36 23.49 18.70
CA LEU C 102 1.22 24.57 18.24
C LEU C 102 2.66 24.10 18.08
N LYS C 103 3.20 23.40 19.11
CA LYS C 103 4.57 22.86 19.13
C LYS C 103 4.85 22.02 17.89
N ASN C 104 3.82 21.33 17.35
CA ASN C 104 3.95 20.48 16.18
C ASN C 104 3.57 21.13 14.85
N GLY C 105 3.59 22.46 14.80
CA GLY C 105 3.32 23.18 13.56
C GLY C 105 1.90 23.60 13.22
N ALA C 106 0.95 23.62 14.18
CA ALA C 106 -0.42 24.09 13.87
C ALA C 106 -0.35 25.56 13.44
N ASP C 107 -1.10 25.92 12.39
CA ASP C 107 -1.12 27.27 11.91
C ASP C 107 -2.00 28.02 12.89
N VAL C 108 -1.37 28.81 13.77
CA VAL C 108 -2.06 29.61 14.77
C VAL C 108 -3.06 30.58 14.15
N ASN C 109 -2.85 30.99 12.88
CA ASN C 109 -3.68 31.96 12.20
C ASN C 109 -4.74 31.38 11.26
N ALA C 110 -4.91 30.03 11.25
CA ALA C 110 -5.90 29.37 10.40
C ALA C 110 -7.30 29.88 10.75
N GLN C 111 -8.07 30.27 9.74
CA GLN C 111 -9.39 30.85 9.91
C GLN C 111 -10.48 29.80 9.64
N ASP C 112 -11.58 29.85 10.41
CA ASP C 112 -12.69 28.93 10.25
C ASP C 112 -13.70 29.51 9.20
N LYS C 113 -14.91 28.93 9.03
CA LYS C 113 -15.89 29.44 8.05
C LYS C 113 -16.39 30.88 8.37
N PHE C 114 -16.05 31.42 9.55
CA PHE C 114 -16.38 32.81 9.88
C PHE C 114 -15.15 33.73 9.89
N GLY C 115 -14.00 33.25 9.37
CA GLY C 115 -12.75 33.98 9.37
C GLY C 115 -12.14 34.12 10.75
N LYS C 116 -12.52 33.23 11.68
CA LYS C 116 -12.04 33.28 13.05
C LYS C 116 -10.90 32.32 13.31
N THR C 117 -9.92 32.79 14.06
CA THR C 117 -8.76 32.03 14.48
C THR C 117 -9.02 31.47 15.89
N ALA C 118 -8.11 30.64 16.43
CA ALA C 118 -8.24 30.11 17.79
C ALA C 118 -8.27 31.24 18.81
N PHE C 119 -7.54 32.34 18.53
CA PHE C 119 -7.56 33.50 19.40
C PHE C 119 -8.94 34.12 19.42
N ASP C 120 -9.61 34.22 18.25
CA ASP C 120 -10.94 34.80 18.19
C ASP C 120 -11.93 33.98 19.01
N ILE C 121 -11.82 32.64 18.89
CA ILE C 121 -12.70 31.69 19.57
C ILE C 121 -12.60 31.81 21.08
N SER C 122 -11.37 31.84 21.61
CA SER C 122 -11.13 31.99 23.04
C SER C 122 -11.64 33.35 23.57
N ILE C 123 -11.45 34.44 22.80
CA ILE C 123 -11.95 35.75 23.22
C ILE C 123 -13.49 35.69 23.26
N ASP C 124 -14.12 35.08 22.22
CA ASP C 124 -15.57 34.90 22.14
C ASP C 124 -16.10 34.09 23.32
N ASN C 125 -15.43 33.00 23.70
CA ASN C 125 -15.85 32.17 24.85
C ASN C 125 -15.39 32.71 26.22
N GLY C 126 -14.66 33.83 26.25
CA GLY C 126 -14.16 34.41 27.50
C GLY C 126 -13.09 33.60 28.21
N ASN C 127 -12.28 32.88 27.45
CA ASN C 127 -11.18 32.08 28.00
C ASN C 127 -9.95 32.98 28.03
N GLU C 128 -9.64 33.60 29.18
CA GLU C 128 -8.49 34.48 29.27
C GLU C 128 -7.17 33.71 29.20
N ASP C 129 -7.10 32.50 29.79
CA ASP C 129 -5.88 31.71 29.80
C ASP C 129 -5.52 31.20 28.43
N LEU C 130 -6.52 30.77 27.66
CA LEU C 130 -6.28 30.28 26.31
C LEU C 130 -5.78 31.41 25.42
N ALA C 131 -6.48 32.56 25.43
CA ALA C 131 -6.05 33.73 24.67
C ALA C 131 -4.59 34.15 24.99
N GLU C 132 -4.24 34.13 26.29
CA GLU C 132 -2.90 34.51 26.72
C GLU C 132 -1.86 33.54 26.17
N ILE C 133 -2.16 32.23 26.21
CA ILE C 133 -1.28 31.17 25.70
C ILE C 133 -1.05 31.34 24.19
N LEU C 134 -2.11 31.64 23.43
CA LEU C 134 -2.02 31.86 21.98
C LEU C 134 -1.19 33.11 21.65
N GLN C 135 -1.23 34.11 22.51
CA GLN C 135 -0.42 35.32 22.36
C GLN C 135 1.03 35.03 22.67
N LYS C 136 1.32 34.37 23.81
CA LYS C 136 2.69 34.12 24.24
C LYS C 136 3.42 33.08 23.40
N LEU C 137 2.77 31.95 23.10
CA LEU C 137 3.38 30.90 22.29
C LEU C 137 3.54 31.28 20.82
N ASN C 138 2.80 32.29 20.35
CA ASN C 138 2.92 32.73 18.98
C ASN C 138 2.83 34.24 18.82
N CYS D 7 -5.40 -24.92 -12.94
CA CYS D 7 -6.02 -23.73 -12.35
C CYS D 7 -6.79 -24.07 -11.09
N ASP D 8 -6.88 -23.12 -10.17
CA ASP D 8 -7.62 -23.29 -8.93
C ASP D 8 -9.12 -23.52 -9.25
N PRO D 9 -9.81 -24.41 -8.52
CA PRO D 9 -11.25 -24.63 -8.80
C PRO D 9 -12.11 -23.37 -8.72
N LEU D 10 -11.60 -22.27 -8.12
CA LEU D 10 -12.38 -21.04 -8.02
C LEU D 10 -12.17 -20.06 -9.18
N CYS D 11 -11.44 -20.46 -10.24
CA CYS D 11 -11.25 -19.61 -11.41
C CYS D 11 -12.42 -19.84 -12.37
N SER D 12 -12.76 -18.81 -13.15
CA SER D 12 -13.80 -18.91 -14.17
C SER D 12 -13.33 -19.75 -15.37
N SER D 13 -14.22 -20.00 -16.36
CA SER D 13 -13.90 -20.73 -17.58
C SER D 13 -12.73 -20.13 -18.38
N GLY D 14 -12.45 -18.83 -18.16
CA GLY D 14 -11.36 -18.13 -18.81
C GLY D 14 -10.00 -18.76 -18.59
N GLY D 15 -9.76 -19.24 -17.38
CA GLY D 15 -8.50 -19.89 -17.03
C GLY D 15 -7.71 -19.15 -15.97
N CYS D 16 -6.39 -19.29 -16.02
CA CYS D 16 -5.53 -18.66 -15.02
C CYS D 16 -4.12 -18.44 -15.56
N TRP D 17 -3.38 -17.54 -14.93
CA TRP D 17 -1.98 -17.30 -15.26
C TRP D 17 -1.00 -17.95 -14.24
N GLY D 18 -1.54 -18.69 -13.28
CA GLY D 18 -0.83 -19.40 -12.22
C GLY D 18 -1.75 -20.38 -11.51
N PRO D 19 -1.21 -21.16 -10.56
CA PRO D 19 -2.06 -22.15 -9.86
C PRO D 19 -3.14 -21.59 -8.91
N GLY D 20 -2.74 -20.79 -7.92
CA GLY D 20 -3.57 -20.24 -6.85
C GLY D 20 -4.83 -19.43 -7.11
N PRO D 21 -5.62 -19.22 -6.03
CA PRO D 21 -6.87 -18.45 -6.13
C PRO D 21 -6.71 -16.98 -6.51
N GLY D 22 -5.56 -16.41 -6.17
CA GLY D 22 -5.24 -15.04 -6.53
C GLY D 22 -4.56 -14.92 -7.89
N GLN D 23 -4.55 -16.01 -8.68
CA GLN D 23 -3.91 -16.05 -9.98
C GLN D 23 -4.84 -16.42 -11.13
N CYS D 24 -6.15 -16.16 -10.98
CA CYS D 24 -7.13 -16.38 -12.06
C CYS D 24 -7.23 -15.10 -12.90
N LEU D 25 -7.60 -15.24 -14.17
CA LEU D 25 -7.87 -14.07 -15.01
C LEU D 25 -9.15 -13.36 -14.50
N SER D 26 -10.17 -14.17 -14.12
CA SER D 26 -11.43 -13.72 -13.54
C SER D 26 -11.94 -14.78 -12.54
N CYS D 27 -12.77 -14.37 -11.58
CA CYS D 27 -13.30 -15.30 -10.58
C CYS D 27 -14.59 -15.97 -11.00
N ARG D 28 -14.82 -17.18 -10.47
CA ARG D 28 -16.02 -17.98 -10.69
C ARG D 28 -17.20 -17.24 -10.03
N ASN D 29 -17.13 -17.02 -8.69
N ASN D 29 -17.09 -16.84 -8.75
CA ASN D 29 -18.16 -16.36 -7.88
CA ASN D 29 -18.14 -16.02 -8.13
C ASN D 29 -17.62 -15.00 -7.31
C ASN D 29 -17.53 -14.84 -7.34
N TYR D 30 -17.23 -14.98 -6.03
CA TYR D 30 -16.72 -13.86 -5.28
C TYR D 30 -15.20 -13.69 -5.28
N SER D 31 -14.76 -12.47 -5.00
CA SER D 31 -13.35 -12.15 -4.89
C SER D 31 -13.16 -11.15 -3.76
N ARG D 32 -12.14 -11.34 -2.95
CA ARG D 32 -11.83 -10.44 -1.85
C ARG D 32 -10.42 -9.94 -2.12
N GLY D 33 -10.31 -8.70 -2.59
CA GLY D 33 -9.03 -8.12 -2.94
C GLY D 33 -8.38 -8.86 -4.08
N GLY D 34 -9.18 -9.18 -5.10
CA GLY D 34 -8.68 -9.88 -6.28
C GLY D 34 -8.42 -11.35 -6.14
N VAL D 35 -8.49 -11.88 -4.90
CA VAL D 35 -8.28 -13.30 -4.66
C VAL D 35 -9.66 -13.98 -4.73
N CYS D 36 -9.81 -15.03 -5.54
CA CYS D 36 -11.10 -15.72 -5.68
C CYS D 36 -11.45 -16.50 -4.42
N VAL D 37 -12.65 -16.27 -3.88
CA VAL D 37 -13.14 -16.97 -2.69
C VAL D 37 -14.46 -17.72 -2.97
N THR D 38 -14.77 -18.69 -2.14
CA THR D 38 -16.01 -19.46 -2.27
C THR D 38 -17.21 -18.55 -1.99
N HIS D 39 -17.10 -17.68 -0.99
CA HIS D 39 -18.14 -16.74 -0.60
C HIS D 39 -17.60 -15.68 0.37
N CYS D 40 -18.30 -14.52 0.46
CA CYS D 40 -17.99 -13.46 1.43
C CYS D 40 -18.42 -13.96 2.83
N ASN D 41 -17.98 -13.22 3.88
CA ASN D 41 -18.34 -13.49 5.27
C ASN D 41 -19.71 -12.91 5.54
N PHE D 42 -20.74 -13.45 4.91
CA PHE D 42 -22.09 -12.95 5.03
C PHE D 42 -22.76 -13.29 6.36
N LEU D 43 -22.66 -14.54 6.78
CA LEU D 43 -23.32 -15.08 7.98
C LEU D 43 -22.34 -15.45 9.12
N ASN D 44 -21.04 -15.53 8.83
CA ASN D 44 -20.02 -15.94 9.79
C ASN D 44 -18.63 -15.49 9.32
N GLY D 45 -17.63 -15.58 10.19
CA GLY D 45 -16.28 -15.16 9.86
C GLY D 45 -16.01 -13.71 10.19
N GLU D 46 -14.73 -13.36 10.43
CA GLU D 46 -14.37 -11.98 10.71
C GLU D 46 -13.39 -11.48 9.68
N PRO D 47 -13.58 -10.25 9.18
CA PRO D 47 -14.69 -9.33 9.46
C PRO D 47 -15.97 -9.74 8.74
N ARG D 48 -17.15 -9.26 9.22
CA ARG D 48 -18.39 -9.56 8.50
C ARG D 48 -18.37 -8.74 7.20
N GLU D 49 -18.97 -9.28 6.14
CA GLU D 49 -18.92 -8.66 4.82
C GLU D 49 -20.24 -8.54 4.09
N PHE D 50 -20.25 -7.63 3.11
CA PHE D 50 -21.31 -7.47 2.14
C PHE D 50 -20.66 -7.64 0.74
N ALA D 51 -21.49 -7.81 -0.29
CA ALA D 51 -20.99 -7.96 -1.64
C ALA D 51 -21.51 -6.83 -2.54
N HIS D 52 -20.76 -6.55 -3.59
CA HIS D 52 -21.15 -5.61 -4.63
C HIS D 52 -20.48 -6.07 -5.89
N GLU D 53 -21.26 -6.40 -6.93
CA GLU D 53 -20.74 -6.89 -8.22
C GLU D 53 -19.77 -8.07 -8.00
N ALA D 54 -20.17 -9.04 -7.19
CA ALA D 54 -19.39 -10.23 -6.85
C ALA D 54 -18.07 -9.97 -6.13
N GLU D 55 -17.91 -8.80 -5.51
CA GLU D 55 -16.70 -8.52 -4.74
C GLU D 55 -17.05 -8.43 -3.28
N CYS D 56 -16.20 -8.96 -2.41
CA CYS D 56 -16.44 -8.94 -0.96
C CYS D 56 -15.82 -7.70 -0.35
N PHE D 57 -16.61 -6.96 0.43
CA PHE D 57 -16.13 -5.75 1.10
C PHE D 57 -16.50 -5.82 2.59
N SER D 58 -15.69 -5.22 3.47
CA SER D 58 -15.97 -5.27 4.89
C SER D 58 -17.12 -4.39 5.38
N CYS D 59 -17.90 -4.94 6.34
CA CYS D 59 -18.90 -4.15 7.07
C CYS D 59 -18.11 -3.15 7.95
N HIS D 60 -18.77 -2.07 8.37
CA HIS D 60 -18.15 -1.10 9.24
C HIS D 60 -17.83 -1.75 10.61
N PRO D 61 -16.68 -1.43 11.22
CA PRO D 61 -16.33 -2.08 12.50
C PRO D 61 -17.33 -1.84 13.65
N GLU D 62 -18.21 -0.83 13.54
CA GLU D 62 -19.23 -0.59 14.56
C GLU D 62 -20.55 -1.38 14.32
N CYS D 63 -20.61 -2.20 13.25
CA CYS D 63 -21.79 -3.04 13.01
C CYS D 63 -21.70 -4.22 13.99
N GLN D 64 -22.79 -4.56 14.66
CA GLN D 64 -22.84 -5.70 15.55
C GLN D 64 -22.87 -6.99 14.70
N PRO D 65 -21.93 -7.92 14.90
CA PRO D 65 -21.94 -9.17 14.10
C PRO D 65 -23.21 -9.95 14.35
N MET D 66 -23.92 -10.30 13.27
CA MET D 66 -25.20 -11.00 13.38
C MET D 66 -25.05 -12.47 13.09
N GLU D 67 -25.86 -13.30 13.73
CA GLU D 67 -25.83 -14.75 13.47
C GLU D 67 -27.07 -15.12 12.69
N GLY D 68 -26.89 -15.86 11.60
CA GLY D 68 -28.00 -16.32 10.77
C GLY D 68 -28.37 -15.33 9.68
N THR D 69 -28.33 -14.04 9.98
CA THR D 69 -28.68 -12.98 9.05
C THR D 69 -27.47 -12.07 8.73
N ALA D 70 -27.61 -11.16 7.76
CA ALA D 70 -26.50 -10.27 7.36
C ALA D 70 -26.14 -9.20 8.42
N THR D 71 -24.88 -8.83 8.48
CA THR D 71 -24.39 -7.81 9.41
C THR D 71 -24.54 -6.40 8.85
N CYS D 72 -24.49 -6.27 7.52
CA CYS D 72 -24.64 -4.99 6.86
C CYS D 72 -25.04 -5.19 5.39
N ASN D 73 -25.43 -4.10 4.71
CA ASN D 73 -25.63 -4.09 3.26
C ASN D 73 -24.69 -3.09 2.51
N GLY D 74 -23.84 -2.39 3.25
CA GLY D 74 -22.90 -1.42 2.71
C GLY D 74 -21.69 -1.25 3.59
N SER D 75 -20.80 -0.30 3.25
CA SER D 75 -19.56 -0.14 4.02
C SER D 75 -19.61 0.86 5.15
N GLY D 76 -20.60 1.74 5.12
CA GLY D 76 -20.76 2.80 6.10
C GLY D 76 -21.43 2.35 7.37
N SER D 77 -21.18 3.09 8.45
CA SER D 77 -21.73 2.84 9.77
C SER D 77 -23.26 3.09 9.82
N ASP D 78 -23.86 3.56 8.71
CA ASP D 78 -25.28 3.82 8.60
C ASP D 78 -26.02 2.68 7.87
N THR D 79 -25.34 1.55 7.58
CA THR D 79 -25.88 0.39 6.89
C THR D 79 -25.78 -0.91 7.73
N CYS D 80 -25.56 -0.79 9.03
CA CYS D 80 -25.51 -1.94 9.93
C CYS D 80 -26.91 -2.45 10.16
N ALA D 81 -27.04 -3.76 10.38
CA ALA D 81 -28.31 -4.32 10.80
C ALA D 81 -28.59 -3.85 12.25
N GLN D 82 -27.54 -3.73 13.07
CA GLN D 82 -27.65 -3.34 14.47
C GLN D 82 -26.30 -2.74 14.92
N CYS D 83 -26.32 -1.66 15.70
CA CYS D 83 -25.10 -1.02 16.21
C CYS D 83 -24.48 -1.87 17.35
N ALA D 84 -23.14 -2.00 17.38
CA ALA D 84 -22.47 -2.77 18.45
C ALA D 84 -22.46 -2.00 19.74
N HIS D 85 -22.25 -0.67 19.67
CA HIS D 85 -22.21 0.16 20.86
C HIS D 85 -23.32 1.24 20.89
N PHE D 86 -23.05 2.48 20.41
CA PHE D 86 -24.05 3.57 20.42
C PHE D 86 -24.48 3.97 19.01
N ARG D 87 -25.57 4.74 18.90
CA ARG D 87 -26.02 5.22 17.61
C ARG D 87 -26.23 6.70 17.64
N ASP D 88 -25.61 7.41 16.70
CA ASP D 88 -25.79 8.85 16.59
C ASP D 88 -26.44 9.15 15.23
N GLY D 89 -27.75 9.38 15.29
CA GLY D 89 -28.55 9.64 14.10
C GLY D 89 -28.64 8.35 13.32
N PRO D 90 -28.10 8.37 12.10
CA PRO D 90 -28.07 7.14 11.30
C PRO D 90 -26.83 6.26 11.51
N HIS D 91 -25.78 6.77 12.16
CA HIS D 91 -24.51 6.09 12.30
C HIS D 91 -24.19 5.39 13.59
N CYS D 92 -23.69 4.15 13.49
CA CYS D 92 -23.19 3.38 14.62
C CYS D 92 -21.82 3.96 14.98
N VAL D 93 -21.68 4.35 16.25
CA VAL D 93 -20.48 4.97 16.79
C VAL D 93 -20.07 4.29 18.07
N SER D 94 -18.79 4.39 18.40
CA SER D 94 -18.25 3.82 19.65
C SER D 94 -18.64 4.66 20.87
N SER D 95 -19.01 5.93 20.65
CA SER D 95 -19.23 6.91 21.70
C SER D 95 -20.05 8.09 21.18
N CYS D 96 -20.88 8.70 22.05
CA CYS D 96 -21.67 9.90 21.68
C CYS D 96 -20.77 11.15 21.59
N PRO D 97 -21.13 12.17 20.79
CA PRO D 97 -20.22 13.32 20.65
C PRO D 97 -19.82 13.99 21.95
N HIS D 98 -18.50 14.24 22.13
CA HIS D 98 -17.93 14.88 23.34
C HIS D 98 -17.37 16.28 22.99
N GLY D 99 -18.16 17.08 22.30
CA GLY D 99 -17.75 18.44 21.94
C GLY D 99 -17.16 18.61 20.55
N VAL D 100 -17.30 17.56 19.71
CA VAL D 100 -16.83 17.55 18.33
C VAL D 100 -17.53 18.62 17.56
N LEU D 101 -16.78 19.43 16.81
CA LEU D 101 -17.35 20.50 16.05
C LEU D 101 -18.27 20.04 14.95
N GLY D 102 -19.38 20.76 14.83
CA GLY D 102 -20.37 20.64 13.79
C GLY D 102 -20.60 21.99 13.15
N ALA D 103 -21.72 22.16 12.41
CA ALA D 103 -22.02 23.42 11.75
C ALA D 103 -22.08 24.63 12.70
N LYS D 104 -22.61 24.47 13.91
CA LYS D 104 -22.74 25.58 14.85
C LYS D 104 -21.83 25.48 16.12
N GLY D 105 -20.76 24.68 16.06
CA GLY D 105 -19.85 24.58 17.19
C GLY D 105 -19.84 23.21 17.85
N PRO D 106 -19.37 23.13 19.11
CA PRO D 106 -19.29 21.83 19.79
C PRO D 106 -20.61 21.09 19.98
N ILE D 107 -20.61 19.79 19.73
CA ILE D 107 -21.79 18.99 19.90
C ILE D 107 -21.59 18.03 21.04
N TYR D 108 -22.45 18.12 22.04
CA TYR D 108 -22.36 17.21 23.18
C TYR D 108 -23.68 16.46 23.24
N LYS D 109 -23.60 15.14 23.35
CA LYS D 109 -24.76 14.28 23.45
C LYS D 109 -24.58 13.26 24.60
N TYR D 110 -25.66 12.60 24.99
CA TYR D 110 -25.64 11.61 26.06
C TYR D 110 -26.29 10.34 25.54
N PRO D 111 -25.83 9.17 25.99
CA PRO D 111 -26.50 7.92 25.57
C PRO D 111 -27.74 7.66 26.42
N ASP D 112 -28.85 7.30 25.79
CA ASP D 112 -30.08 7.00 26.53
C ASP D 112 -30.14 5.50 26.96
N VAL D 113 -31.31 4.99 27.43
CA VAL D 113 -31.42 3.60 27.88
C VAL D 113 -31.19 2.61 26.71
N GLN D 114 -31.53 3.03 25.47
CA GLN D 114 -31.36 2.22 24.27
C GLN D 114 -30.08 2.56 23.49
N ASN D 115 -29.08 3.18 24.16
CA ASN D 115 -27.79 3.58 23.59
C ASN D 115 -27.94 4.54 22.41
N GLU D 116 -28.96 5.41 22.47
CA GLU D 116 -29.20 6.37 21.41
C GLU D 116 -28.65 7.70 21.85
N CYS D 117 -27.77 8.29 21.06
CA CYS D 117 -27.21 9.58 21.38
C CYS D 117 -28.30 10.65 21.26
N ARG D 118 -28.62 11.32 22.39
CA ARG D 118 -29.64 12.35 22.45
C ARG D 118 -29.00 13.70 22.79
N PRO D 119 -29.55 14.83 22.32
CA PRO D 119 -28.92 16.13 22.61
C PRO D 119 -28.80 16.51 24.07
N CYS D 120 -27.68 17.16 24.43
CA CYS D 120 -27.50 17.75 25.74
C CYS D 120 -28.32 19.05 25.75
N HIS D 121 -28.58 19.61 26.94
CA HIS D 121 -29.28 20.89 27.05
C HIS D 121 -28.39 21.98 26.43
N GLU D 122 -28.97 22.98 25.75
CA GLU D 122 -28.20 24.06 25.11
C GLU D 122 -27.17 24.70 26.06
N ASN D 123 -27.57 24.92 27.33
CA ASN D 123 -26.68 25.53 28.32
C ASN D 123 -25.65 24.57 28.95
N CYS D 124 -25.39 23.36 28.38
CA CYS D 124 -24.38 22.43 28.89
C CYS D 124 -23.07 22.58 28.10
N THR D 125 -22.18 23.44 28.58
CA THR D 125 -20.89 23.70 27.92
C THR D 125 -19.88 22.54 27.99
N GLN D 126 -19.93 21.70 29.04
CA GLN D 126 -18.95 20.62 29.19
C GLN D 126 -19.48 19.19 28.94
N GLY D 127 -20.67 19.06 28.39
CA GLY D 127 -21.30 17.75 28.18
C GLY D 127 -22.41 17.49 29.17
N CYS D 128 -23.02 16.27 29.13
CA CYS D 128 -24.13 15.98 30.04
C CYS D 128 -24.36 14.46 30.29
N LYS D 129 -25.28 14.16 31.22
CA LYS D 129 -25.71 12.80 31.57
C LYS D 129 -27.25 12.59 31.31
N GLY D 130 -27.93 13.62 30.80
CA GLY D 130 -29.36 13.63 30.52
C GLY D 130 -29.79 14.88 29.77
N PRO D 131 -31.10 15.04 29.50
CA PRO D 131 -31.55 16.19 28.72
C PRO D 131 -31.74 17.52 29.45
N GLU D 132 -31.87 17.52 30.79
CA GLU D 132 -32.13 18.73 31.56
C GLU D 132 -30.88 19.57 31.85
N LEU D 133 -31.07 20.86 32.21
CA LEU D 133 -29.96 21.74 32.63
C LEU D 133 -29.30 21.19 33.92
N GLN D 134 -30.05 20.54 34.81
CA GLN D 134 -29.46 19.93 36.00
C GLN D 134 -28.56 18.73 35.70
N ASP D 135 -28.64 18.19 34.47
CA ASP D 135 -27.87 17.04 34.01
C ASP D 135 -26.56 17.42 33.34
N CYS D 136 -26.17 18.71 33.30
CA CYS D 136 -24.89 19.10 32.71
C CYS D 136 -23.74 18.46 33.48
N LEU D 137 -22.63 18.19 32.77
CA LEU D 137 -21.37 17.57 33.20
C LEU D 137 -21.51 16.07 33.46
C1 GOL E . 14.12 -1.59 -35.39
O1 GOL E . 15.48 -1.59 -34.94
C2 GOL E . 13.16 -1.18 -34.29
O2 GOL E . 11.81 -1.45 -34.71
C3 GOL E . 13.45 -1.87 -32.98
O3 GOL E . 12.82 -1.20 -31.87
C ACT F . 28.00 0.81 -20.46
O ACT F . 27.00 0.75 -21.25
OXT ACT F . 29.21 1.10 -20.79
CH3 ACT F . 27.67 0.53 -18.98
C1 GOL G . 24.77 -0.63 -34.11
O1 GOL G . 24.70 -1.54 -35.20
C2 GOL G . 23.64 -0.82 -33.12
O2 GOL G . 23.59 -2.19 -32.71
C3 GOL G . 23.85 0.05 -31.91
O3 GOL G . 23.68 1.44 -32.19
C ACT H . 21.00 -21.31 -7.21
O ACT H . 20.60 -22.46 -7.52
OXT ACT H . 22.19 -20.94 -7.31
CH3 ACT H . 19.99 -20.30 -6.64
C ACT I . 20.43 -14.92 -27.11
O ACT I . 21.64 -14.95 -26.70
OXT ACT I . 19.75 -13.86 -27.32
CH3 ACT I . 19.71 -16.26 -27.36
C1 GOL J . -29.95 2.63 11.68
O1 GOL J . -29.97 3.68 10.72
C2 GOL J . -28.54 2.25 12.06
O2 GOL J . -28.56 1.29 13.12
C3 GOL J . -27.80 1.68 10.87
O3 GOL J . -26.42 1.46 11.18
#